data_4JBQ
#
_entry.id   4JBQ
#
_cell.length_a   82.414
_cell.length_b   82.414
_cell.length_c   170.349
_cell.angle_alpha   90.000
_cell.angle_beta   90.000
_cell.angle_gamma   120.000
#
_symmetry.space_group_name_H-M   'P 61 2 2'
#
loop_
_entity.id
_entity.type
_entity.pdbx_description
1 polymer 'Aurora Kinase A'
2 non-polymer 'CYCLOPROPANECARBOXYLIC ACID {4-[4-(4-METHYL-PIPERAZIN-1-YL)-6-(5-METHYL-2H-PYRAZOL-3-YLAMINO)-PYRIMIDIN-2-YLSULFANYL]-PHENYL}-AMIDE'
3 water water
#
_entity_poly.entity_id   1
_entity_poly.type   'polypeptide(L)'
_entity_poly.pdbx_seq_one_letter_code
;SKKRQWALEDFEIGRPLGKGKFGNVYLAREKQSKFILALKVLFKAQLEKAGVEHQLRREVEIQSHLRHPNILRLYGYFHD
ATRVYLILEYAPLGTVYRELQKLSKFDEQRTATYITELANALSYCHSKRVIHRDIKPENLLLGSAGELKIADFGWSVHAP
SSRRTDLCGTLDYLPPEMIEGRMHDEKVDLWSLGVLCYEFLVGKPPFEANTYQETYKRISRVEFTFPDFVTEGARDLISR
LLKHNPSQRPMLREVLEHPWITANSSKPSNCQNKESASK
;
_entity_poly.pdbx_strand_id   A
#
loop_
_chem_comp.id
_chem_comp.type
_chem_comp.name
_chem_comp.formula
VX6 non-polymer 'CYCLOPROPANECARBOXYLIC ACID {4-[4-(4-METHYL-PIPERAZIN-1-YL)-6-(5-METHYL-2H-PYRAZOL-3-YLAMINO)-PYRIMIDIN-2-YLSULFANYL]-PHENYL}-AMIDE' 'C23 H28 N8 O S'
#
# COMPACT_ATOMS: atom_id res chain seq x y z
N ARG A 4 -29.46 4.10 -7.44
CA ARG A 4 -28.76 4.34 -8.73
C ARG A 4 -27.68 3.28 -8.94
N GLN A 5 -28.09 2.15 -9.51
CA GLN A 5 -27.22 0.98 -9.70
C GLN A 5 -26.53 0.98 -11.07
N TRP A 6 -25.21 0.75 -11.06
CA TRP A 6 -24.41 0.68 -12.28
C TRP A 6 -24.43 -0.68 -12.93
N ALA A 7 -24.33 -0.69 -14.26
CA ALA A 7 -24.13 -1.92 -15.05
C ALA A 7 -22.98 -1.71 -16.04
N LEU A 8 -22.47 -2.80 -16.62
CA LEU A 8 -21.33 -2.75 -17.53
C LEU A 8 -21.52 -1.79 -18.72
N GLU A 9 -22.75 -1.75 -19.23
CA GLU A 9 -23.14 -0.89 -20.36
C GLU A 9 -23.04 0.61 -20.06
N ASP A 10 -22.82 0.97 -18.80
CA ASP A 10 -22.72 2.38 -18.40
C ASP A 10 -21.30 2.91 -18.62
N PHE A 11 -20.40 2.03 -19.05
CA PHE A 11 -18.98 2.38 -19.17
C PHE A 11 -18.40 2.03 -20.53
N GLU A 12 -17.62 2.95 -21.10
CA GLU A 12 -16.76 2.61 -22.21
C GLU A 12 -15.49 2.05 -21.60
N ILE A 13 -15.03 0.94 -22.16
CA ILE A 13 -13.86 0.25 -21.60
C ILE A 13 -12.63 0.63 -22.44
N GLY A 14 -11.55 0.96 -21.74
CA GLY A 14 -10.33 1.36 -22.39
C GLY A 14 -9.33 0.24 -22.30
N ARG A 15 -8.06 0.63 -22.30
CA ARG A 15 -6.99 -0.35 -22.35
C ARG A 15 -6.71 -0.93 -20.96
N PRO A 16 -6.19 -2.18 -20.91
CA PRO A 16 -5.80 -2.80 -19.65
C PRO A 16 -4.73 -2.00 -18.91
N LEU A 17 -4.96 -1.78 -17.62
CA LEU A 17 -4.00 -1.04 -16.79
C LEU A 17 -3.06 -2.01 -16.10
N GLY A 18 -3.63 -3.05 -15.50
CA GLY A 18 -2.86 -4.07 -14.82
C GLY A 18 -3.49 -5.43 -14.97
N LYS A 19 -2.65 -6.46 -15.02
CA LYS A 19 -3.11 -7.83 -15.05
C LYS A 19 -2.65 -8.57 -13.80
N GLY A 20 -3.62 -8.93 -12.95
CA GLY A 20 -3.34 -9.61 -11.68
C GLY A 20 -3.77 -11.06 -11.69
N LYS A 21 -3.65 -11.71 -10.53
CA LYS A 21 -4.04 -13.12 -10.38
C LYS A 21 -5.56 -13.29 -10.39
N PHE A 22 -6.26 -12.38 -9.71
CA PHE A 22 -7.72 -12.49 -9.52
C PHE A 22 -8.56 -11.84 -10.63
N GLY A 23 -8.03 -10.79 -11.25
CA GLY A 23 -8.75 -10.11 -12.33
C GLY A 23 -7.99 -8.99 -13.03
N ASN A 24 -8.61 -8.46 -14.08
CA ASN A 24 -8.04 -7.37 -14.86
C ASN A 24 -8.57 -6.01 -14.42
N VAL A 25 -7.68 -5.02 -14.45
CA VAL A 25 -8.10 -3.63 -14.25
C VAL A 25 -8.04 -2.87 -15.58
N TYR A 26 -9.11 -2.17 -15.89
CA TYR A 26 -9.17 -1.39 -17.13
C TYR A 26 -9.34 0.10 -16.86
N LEU A 27 -8.76 0.92 -17.73
CA LEU A 27 -9.20 2.31 -17.81
C LEU A 27 -10.61 2.27 -18.37
N ALA A 28 -11.47 3.15 -17.86
CA ALA A 28 -12.84 3.18 -18.27
C ALA A 28 -13.40 4.59 -18.11
N ARG A 29 -14.48 4.86 -18.82
CA ARG A 29 -15.12 6.16 -18.80
C ARG A 29 -16.60 5.90 -18.67
N GLU A 30 -17.24 6.48 -17.66
CA GLU A 30 -18.70 6.39 -17.53
C GLU A 30 -19.32 7.21 -18.67
N LYS A 31 -20.26 6.61 -19.39
CA LYS A 31 -20.75 7.18 -20.66
C LYS A 31 -21.45 8.52 -20.55
N GLN A 32 -22.35 8.65 -19.59
CA GLN A 32 -23.15 9.87 -19.46
C GLN A 32 -22.37 11.06 -18.91
N SER A 33 -21.50 10.82 -17.93
CA SER A 33 -20.71 11.90 -17.33
C SER A 33 -19.32 12.11 -17.98
N LYS A 34 -18.84 11.13 -18.74
CA LYS A 34 -17.47 11.13 -19.28
C LYS A 34 -16.38 11.07 -18.19
N PHE A 35 -16.74 10.61 -17.00
CA PHE A 35 -15.82 10.51 -15.86
C PHE A 35 -14.82 9.37 -16.09
N ILE A 36 -13.52 9.71 -16.15
CA ILE A 36 -12.44 8.71 -16.30
C ILE A 36 -12.15 8.04 -14.96
N LEU A 37 -12.07 6.71 -14.97
CA LEU A 37 -11.95 5.93 -13.75
C LEU A 37 -11.32 4.58 -14.08
N ALA A 38 -11.04 3.80 -13.05
CA ALA A 38 -10.55 2.45 -13.25
C ALA A 38 -11.61 1.42 -12.84
N LEU A 39 -11.73 0.39 -13.66
CA LEU A 39 -12.69 -0.67 -13.44
C LEU A 39 -11.92 -1.96 -13.23
N LYS A 40 -12.10 -2.57 -12.06
CA LYS A 40 -11.49 -3.86 -11.79
C LYS A 40 -12.58 -4.91 -11.94
N VAL A 41 -12.31 -5.92 -12.76
CA VAL A 41 -13.27 -6.99 -13.03
C VAL A 41 -12.78 -8.28 -12.38
N LEU A 42 -13.66 -8.87 -11.56
CA LEU A 42 -13.35 -10.12 -10.84
C LEU A 42 -14.43 -11.17 -11.12
N PHE A 43 -14.01 -12.43 -11.18
CA PHE A 43 -14.96 -13.52 -11.44
C PHE A 43 -15.38 -14.19 -10.14
N LYS A 44 -16.69 -14.22 -9.89
CA LYS A 44 -17.26 -14.86 -8.70
C LYS A 44 -16.69 -16.27 -8.48
N ALA A 45 -16.77 -17.11 -9.52
CA ALA A 45 -16.28 -18.49 -9.46
C ALA A 45 -14.85 -18.57 -8.93
N GLN A 46 -13.99 -17.61 -9.31
CA GLN A 46 -12.59 -17.64 -8.91
C GLN A 46 -12.35 -17.18 -7.45
N LEU A 47 -13.11 -16.18 -7.00
CA LEU A 47 -12.99 -15.70 -5.61
C LEU A 47 -13.48 -16.76 -4.60
N GLU A 48 -14.57 -17.42 -4.94
CA GLU A 48 -15.13 -18.51 -4.15
C GLU A 48 -14.16 -19.69 -4.05
N LYS A 49 -13.61 -20.10 -5.20
CA LYS A 49 -12.69 -21.25 -5.27
C LYS A 49 -11.40 -21.03 -4.47
N ALA A 50 -11.09 -19.77 -4.19
CA ALA A 50 -9.96 -19.40 -3.33
C ALA A 50 -10.43 -19.03 -1.93
N GLY A 51 -11.75 -18.91 -1.76
CA GLY A 51 -12.38 -18.56 -0.48
C GLY A 51 -12.06 -17.14 0.00
N VAL A 52 -12.00 -16.20 -0.93
CA VAL A 52 -11.74 -14.79 -0.60
C VAL A 52 -12.89 -13.84 -0.96
N GLU A 53 -14.04 -14.40 -1.34
CA GLU A 53 -15.22 -13.59 -1.65
C GLU A 53 -15.63 -12.73 -0.47
N HIS A 54 -15.77 -13.35 0.71
CA HIS A 54 -16.13 -12.63 1.91
C HIS A 54 -15.09 -11.60 2.24
N GLN A 55 -13.84 -12.06 2.30
CA GLN A 55 -12.71 -11.16 2.55
C GLN A 55 -12.79 -9.88 1.71
N LEU A 56 -13.16 -10.04 0.42
CA LEU A 56 -13.25 -8.90 -0.49
C LEU A 56 -14.42 -7.99 -0.11
N ARG A 57 -15.53 -8.60 0.31
CA ARG A 57 -16.72 -7.84 0.72
C ARG A 57 -16.42 -6.96 1.93
N ARG A 58 -15.75 -7.52 2.94
CA ARG A 58 -15.36 -6.75 4.12
C ARG A 58 -14.40 -5.62 3.78
N GLU A 59 -13.42 -5.89 2.91
CA GLU A 59 -12.43 -4.89 2.49
C GLU A 59 -13.05 -3.77 1.64
N VAL A 60 -14.01 -4.13 0.80
CA VAL A 60 -14.75 -3.15 0.02
C VAL A 60 -15.57 -2.23 0.94
N GLU A 61 -16.26 -2.84 1.91
CA GLU A 61 -17.06 -2.09 2.89
C GLU A 61 -16.20 -1.14 3.72
N ILE A 62 -15.06 -1.61 4.21
CA ILE A 62 -14.10 -0.74 4.92
C ILE A 62 -13.61 0.39 4.01
N GLN A 63 -13.21 0.05 2.79
CA GLN A 63 -12.68 1.03 1.85
C GLN A 63 -13.64 2.20 1.62
N SER A 64 -14.92 1.89 1.43
CA SER A 64 -15.92 2.92 1.13
C SER A 64 -15.99 4.02 2.20
N HIS A 65 -15.59 3.67 3.43
CA HIS A 65 -15.58 4.62 4.55
C HIS A 65 -14.40 5.55 4.55
N LEU A 66 -13.41 5.27 3.69
CA LEU A 66 -12.15 6.00 3.71
C LEU A 66 -12.11 7.14 2.68
N ARG A 67 -11.84 8.35 3.15
CA ARG A 67 -11.77 9.53 2.30
C ARG A 67 -10.50 10.32 2.63
N HIS A 68 -9.51 10.24 1.74
CA HIS A 68 -8.22 10.86 2.00
C HIS A 68 -7.50 11.02 0.69
N PRO A 69 -6.83 12.18 0.51
CA PRO A 69 -6.09 12.45 -0.76
C PRO A 69 -5.02 11.40 -1.08
N ASN A 70 -4.53 10.69 -0.06
CA ASN A 70 -3.52 9.65 -0.24
C ASN A 70 -4.03 8.22 -0.12
N ILE A 71 -5.34 8.04 -0.19
CA ILE A 71 -5.92 6.70 -0.23
C ILE A 71 -6.73 6.60 -1.51
N LEU A 72 -6.45 5.61 -2.35
CA LEU A 72 -7.19 5.45 -3.58
C LEU A 72 -8.67 5.27 -3.26
N ARG A 73 -9.50 6.04 -3.95
CA ARG A 73 -10.92 6.08 -3.68
C ARG A 73 -11.66 4.94 -4.39
N LEU A 74 -12.54 4.28 -3.65
CA LEU A 74 -13.50 3.35 -4.23
C LEU A 74 -14.83 4.09 -4.39
N TYR A 75 -15.28 4.29 -5.62
CA TYR A 75 -16.50 5.05 -5.87
C TYR A 75 -17.76 4.23 -5.68
N GLY A 76 -17.69 2.95 -6.05
CA GLY A 76 -18.86 2.09 -6.08
C GLY A 76 -18.49 0.70 -6.54
N TYR A 77 -19.52 -0.14 -6.68
CA TYR A 77 -19.37 -1.53 -7.13
C TYR A 77 -20.69 -2.09 -7.67
N PHE A 78 -20.60 -3.18 -8.40
CA PHE A 78 -21.76 -3.92 -8.88
C PHE A 78 -21.35 -5.31 -9.36
N HIS A 79 -22.31 -6.12 -9.78
CA HIS A 79 -22.02 -7.44 -10.30
C HIS A 79 -23.11 -7.99 -11.19
N ASP A 80 -22.72 -8.84 -12.13
CA ASP A 80 -23.67 -9.50 -13.03
C ASP A 80 -23.58 -11.00 -12.74
N ALA A 81 -24.11 -11.82 -13.65
CA ALA A 81 -24.10 -13.28 -13.50
C ALA A 81 -22.83 -13.92 -12.93
N THR A 82 -21.68 -13.58 -13.51
CA THR A 82 -20.42 -14.26 -13.18
C THR A 82 -19.34 -13.36 -12.62
N ARG A 83 -19.52 -12.04 -12.78
CA ARG A 83 -18.45 -11.09 -12.47
C ARG A 83 -18.82 -10.04 -11.40
N VAL A 84 -17.79 -9.59 -10.69
CA VAL A 84 -17.89 -8.48 -9.73
C VAL A 84 -17.04 -7.30 -10.25
N TYR A 85 -17.62 -6.09 -10.22
CA TYR A 85 -16.94 -4.91 -10.73
C TYR A 85 -16.71 -3.83 -9.66
N LEU A 86 -15.44 -3.48 -9.45
CA LEU A 86 -15.06 -2.37 -8.58
C LEU A 86 -14.78 -1.11 -9.41
N ILE A 87 -15.45 -0.01 -9.07
CA ILE A 87 -15.27 1.27 -9.76
C ILE A 87 -14.34 2.14 -8.92
N LEU A 88 -13.15 2.41 -9.45
CA LEU A 88 -12.05 2.95 -8.65
C LEU A 88 -11.52 4.26 -9.22
N GLU A 89 -10.94 5.08 -8.35
CA GLU A 89 -10.19 6.26 -8.77
C GLU A 89 -9.07 5.81 -9.71
N TYR A 90 -8.89 6.56 -10.79
CA TYR A 90 -7.81 6.33 -11.75
C TYR A 90 -6.62 7.21 -11.37
N ALA A 91 -5.48 6.56 -11.07
CA ALA A 91 -4.25 7.25 -10.76
C ALA A 91 -3.34 7.17 -11.98
N PRO A 92 -3.14 8.31 -12.65
CA PRO A 92 -2.54 8.32 -13.99
C PRO A 92 -1.05 7.97 -14.06
N LEU A 93 -0.27 8.28 -13.03
CA LEU A 93 1.18 8.14 -13.10
C LEU A 93 1.69 6.76 -12.70
N GLY A 94 0.79 5.82 -12.41
CA GLY A 94 1.18 4.42 -12.15
C GLY A 94 1.72 4.15 -10.77
N THR A 95 2.46 3.06 -10.63
CA THR A 95 2.83 2.53 -9.31
C THR A 95 4.16 3.07 -8.84
N VAL A 96 4.38 3.07 -7.52
CA VAL A 96 5.68 3.44 -6.98
C VAL A 96 6.72 2.34 -7.34
N TYR A 97 6.24 1.10 -7.43
CA TYR A 97 7.05 -0.02 -7.92
C TYR A 97 7.69 0.23 -9.27
N ARG A 98 6.90 0.69 -10.25
CA ARG A 98 7.45 0.95 -11.58
C ARG A 98 8.43 2.13 -11.52
N GLU A 99 8.11 3.13 -10.71
CA GLU A 99 9.00 4.30 -10.57
C GLU A 99 10.37 3.92 -10.00
N LEU A 100 10.38 2.99 -9.03
CA LEU A 100 11.61 2.43 -8.47
C LEU A 100 12.45 1.70 -9.51
N GLN A 101 11.78 0.96 -10.40
CA GLN A 101 12.44 0.31 -11.53
C GLN A 101 13.04 1.28 -12.53
N LYS A 102 12.35 2.37 -12.83
CA LYS A 102 12.90 3.40 -13.72
C LYS A 102 14.09 4.10 -13.06
N LEU A 103 13.95 4.46 -11.78
CA LEU A 103 14.94 5.34 -11.13
C LEU A 103 16.03 4.64 -10.32
N SER A 104 15.88 3.33 -10.11
CA SER A 104 16.76 2.49 -9.25
C SER A 104 16.52 2.69 -7.75
N LYS A 105 16.66 3.94 -7.30
CA LYS A 105 16.40 4.31 -5.91
C LYS A 105 15.98 5.79 -5.90
N PHE A 106 15.38 6.22 -4.81
CA PHE A 106 14.92 7.59 -4.70
C PHE A 106 15.89 8.42 -3.85
N ASP A 107 15.97 9.72 -4.12
CA ASP A 107 16.71 10.62 -3.24
C ASP A 107 15.94 10.83 -1.92
N GLU A 108 16.58 11.47 -0.97
CA GLU A 108 16.03 11.64 0.37
C GLU A 108 14.78 12.51 0.42
N GLN A 109 14.66 13.47 -0.48
CA GLN A 109 13.51 14.38 -0.54
C GLN A 109 12.23 13.68 -1.03
N ARG A 110 12.33 12.92 -2.13
CA ARG A 110 11.20 12.14 -2.64
C ARG A 110 10.76 11.12 -1.59
N THR A 111 11.74 10.41 -1.02
CA THR A 111 11.48 9.39 0.01
C THR A 111 10.74 9.94 1.22
N ALA A 112 11.25 11.04 1.80
CA ALA A 112 10.63 11.67 3.00
C ALA A 112 9.22 12.21 2.72
N THR A 113 9.02 12.68 1.50
CA THR A 113 7.71 13.13 1.05
C THR A 113 6.73 11.95 1.01
N TYR A 114 7.10 10.88 0.33
CA TYR A 114 6.30 9.65 0.29
C TYR A 114 5.95 9.11 1.68
N ILE A 115 6.95 9.07 2.56
CA ILE A 115 6.75 8.62 3.96
C ILE A 115 5.73 9.51 4.71
N THR A 116 5.89 10.82 4.60
CA THR A 116 4.94 11.79 5.17
C THR A 116 3.51 11.51 4.67
N GLU A 117 3.37 11.37 3.36
CA GLU A 117 2.08 11.06 2.73
C GLU A 117 1.51 9.72 3.24
N LEU A 118 2.37 8.72 3.37
CA LEU A 118 1.96 7.42 3.94
C LEU A 118 1.52 7.55 5.40
N ALA A 119 2.35 8.21 6.20
CA ALA A 119 2.04 8.40 7.61
C ALA A 119 0.75 9.22 7.82
N ASN A 120 0.53 10.25 7.00
CA ASN A 120 -0.73 11.03 7.06
C ASN A 120 -1.96 10.16 6.78
N ALA A 121 -1.91 9.40 5.69
CA ALA A 121 -2.97 8.46 5.35
C ALA A 121 -3.19 7.45 6.49
N LEU A 122 -2.11 6.92 7.05
CA LEU A 122 -2.21 5.94 8.11
C LEU A 122 -2.71 6.55 9.42
N SER A 123 -2.32 7.80 9.70
CA SER A 123 -2.84 8.55 10.86
C SER A 123 -4.35 8.67 10.79
N TYR A 124 -4.83 9.08 9.62
CA TYR A 124 -6.26 9.18 9.33
C TYR A 124 -6.98 7.84 9.52
N CYS A 125 -6.36 6.76 9.05
CA CYS A 125 -6.90 5.41 9.23
C CYS A 125 -6.96 4.98 10.69
N HIS A 126 -5.92 5.29 11.46
CA HIS A 126 -5.87 4.91 12.88
C HIS A 126 -6.95 5.58 13.68
N SER A 127 -7.24 6.85 13.37
CA SER A 127 -8.28 7.60 14.06
C SER A 127 -9.67 7.05 13.74
N LYS A 128 -9.76 6.22 12.69
CA LYS A 128 -11.00 5.56 12.29
C LYS A 128 -10.99 4.08 12.66
N ARG A 129 -10.06 3.70 13.55
CA ARG A 129 -9.86 2.30 13.96
C ARG A 129 -9.55 1.34 12.79
N VAL A 130 -8.95 1.87 11.73
CA VAL A 130 -8.60 1.07 10.57
C VAL A 130 -7.11 0.80 10.54
N ILE A 131 -6.76 -0.48 10.52
CA ILE A 131 -5.37 -0.93 10.51
C ILE A 131 -5.08 -1.43 9.12
N HIS A 132 -3.86 -1.24 8.65
CA HIS A 132 -3.50 -1.79 7.40
C HIS A 132 -2.59 -2.96 7.58
N ARG A 133 -2.63 -3.89 6.65
CA ARG A 133 -1.68 -4.99 6.62
C ARG A 133 -0.45 -4.44 5.92
N ASP A 134 0.41 -5.34 5.45
CA ASP A 134 1.61 -4.91 4.74
C ASP A 134 1.34 -4.01 3.53
N ILE A 135 2.21 -3.03 3.36
CA ILE A 135 2.08 -2.07 2.27
C ILE A 135 3.22 -2.32 1.29
N LYS A 136 2.86 -2.70 0.07
CA LYS A 136 3.84 -2.98 -0.98
C LYS A 136 3.85 -1.85 -1.98
N PRO A 137 5.01 -1.57 -2.56
CA PRO A 137 5.13 -0.53 -3.59
C PRO A 137 4.16 -0.77 -4.75
N GLU A 138 4.07 -2.01 -5.20
CA GLU A 138 3.17 -2.35 -6.33
C GLU A 138 1.76 -1.84 -6.05
N ASN A 139 1.46 -1.65 -4.77
CA ASN A 139 0.12 -1.27 -4.35
C ASN A 139 0.05 0.20 -3.97
N LEU A 140 1.06 0.95 -4.39
CA LEU A 140 1.07 2.39 -4.16
C LEU A 140 1.03 3.07 -5.51
N LEU A 141 0.02 3.89 -5.70
CA LEU A 141 -0.20 4.56 -6.98
C LEU A 141 0.13 6.05 -6.90
N LEU A 142 0.27 6.68 -8.07
CA LEU A 142 0.64 8.07 -8.17
C LEU A 142 -0.44 8.84 -8.91
N GLY A 143 -0.97 9.87 -8.24
CA GLY A 143 -1.97 10.73 -8.82
C GLY A 143 -1.31 11.68 -9.81
N SER A 144 -2.10 12.55 -10.42
CA SER A 144 -1.63 13.41 -11.51
C SER A 144 -0.57 14.43 -11.11
N ALA A 145 -0.57 14.83 -9.84
CA ALA A 145 0.47 15.70 -9.32
C ALA A 145 1.57 14.87 -8.62
N GLY A 146 1.60 13.56 -8.90
CA GLY A 146 2.57 12.65 -8.30
C GLY A 146 2.33 12.35 -6.82
N GLU A 147 1.11 12.61 -6.34
CA GLU A 147 0.80 12.32 -4.94
C GLU A 147 0.57 10.83 -4.76
N LEU A 148 1.10 10.28 -3.67
CA LEU A 148 1.00 8.86 -3.37
C LEU A 148 -0.42 8.46 -2.95
N LYS A 149 -0.86 7.29 -3.41
CA LYS A 149 -2.17 6.75 -3.09
C LYS A 149 -2.04 5.29 -2.68
N ILE A 150 -2.48 4.98 -1.46
CA ILE A 150 -2.55 3.59 -1.02
C ILE A 150 -3.70 2.93 -1.77
N ALA A 151 -3.38 1.89 -2.52
CA ALA A 151 -4.33 1.30 -3.45
C ALA A 151 -4.75 -0.14 -3.18
N ASP A 152 -4.21 -0.79 -2.19
CA ASP A 152 -4.64 -2.13 -1.92
C ASP A 152 -5.92 -2.07 -1.12
N PHE A 153 -6.38 -3.21 -0.65
CA PHE A 153 -7.60 -3.20 0.16
C PHE A 153 -7.29 -3.90 1.49
N GLY A 154 -6.01 -3.99 1.84
CA GLY A 154 -5.56 -4.70 3.03
C GLY A 154 -5.83 -4.00 4.35
N TRP A 155 -7.11 -3.69 4.59
CA TRP A 155 -7.50 -3.03 5.83
C TRP A 155 -8.24 -3.97 6.75
N SER A 156 -8.04 -3.76 8.05
CA SER A 156 -8.70 -4.56 9.08
C SER A 156 -9.38 -3.64 10.09
N VAL A 157 -10.25 -4.21 10.91
CA VAL A 157 -10.90 -3.48 12.00
C VAL A 157 -10.80 -4.25 13.32
N HIS A 158 -9.66 -4.90 13.53
CA HIS A 158 -9.44 -5.67 14.74
C HIS A 158 -10.50 -6.71 14.92
N CYS A 168 -0.44 -16.55 1.92
CA CYS A 168 0.99 -16.26 1.78
C CYS A 168 1.56 -16.98 0.55
N GLY A 169 2.18 -16.23 -0.37
CA GLY A 169 2.36 -14.77 -0.27
C GLY A 169 3.82 -14.40 -0.04
N THR A 170 4.31 -13.36 -0.72
CA THR A 170 5.68 -12.88 -0.49
C THR A 170 5.83 -12.29 0.92
N LEU A 171 6.98 -12.55 1.55
CA LEU A 171 7.16 -12.16 2.94
C LEU A 171 7.74 -10.78 3.15
N ASP A 172 8.28 -10.18 2.09
CA ASP A 172 9.16 -8.99 2.20
C ASP A 172 8.65 -7.86 3.09
N TYR A 173 7.34 -7.65 3.11
CA TYR A 173 6.77 -6.47 3.76
C TYR A 173 6.02 -6.79 5.04
N LEU A 174 6.05 -8.05 5.44
CA LEU A 174 5.36 -8.50 6.64
C LEU A 174 6.26 -8.37 7.88
N PRO A 175 5.69 -7.87 8.99
CA PRO A 175 6.40 -7.75 10.29
C PRO A 175 6.61 -9.10 10.98
N PRO A 176 7.56 -9.17 11.94
CA PRO A 176 7.83 -10.42 12.65
C PRO A 176 6.60 -11.02 13.33
N GLU A 177 5.79 -10.18 13.97
CA GLU A 177 4.59 -10.69 14.68
C GLU A 177 3.57 -11.36 13.75
N MET A 178 3.56 -10.97 12.47
CA MET A 178 2.66 -11.60 11.50
C MET A 178 3.19 -12.94 10.97
N ILE A 179 4.51 -13.07 10.84
CA ILE A 179 5.07 -14.33 10.33
C ILE A 179 5.30 -15.38 11.42
N GLU A 180 5.59 -14.93 12.64
CA GLU A 180 5.92 -15.82 13.75
C GLU A 180 4.67 -16.48 14.34
N GLY A 181 3.50 -16.01 13.94
CA GLY A 181 2.22 -16.49 14.47
C GLY A 181 1.86 -15.84 15.79
N ARG A 182 1.91 -14.51 15.83
CA ARG A 182 1.69 -13.74 17.05
C ARG A 182 0.59 -12.68 16.89
N MET A 183 0.26 -11.99 17.99
CA MET A 183 -0.78 -10.98 17.99
C MET A 183 -0.30 -9.67 17.38
N HIS A 184 -1.03 -9.18 16.37
CA HIS A 184 -0.67 -7.94 15.68
C HIS A 184 -1.70 -6.83 15.84
N ASP A 185 -1.20 -5.60 15.98
CA ASP A 185 -2.04 -4.42 16.15
C ASP A 185 -1.52 -3.31 15.22
N GLU A 186 -1.96 -2.07 15.47
CA GLU A 186 -1.61 -0.90 14.64
C GLU A 186 -0.11 -0.64 14.38
N LYS A 187 0.74 -1.34 15.11
CA LYS A 187 2.18 -1.17 14.99
C LYS A 187 2.76 -1.84 13.74
N VAL A 188 1.97 -2.70 13.10
CA VAL A 188 2.31 -3.27 11.80
C VAL A 188 2.60 -2.20 10.77
N ASP A 189 1.79 -1.13 10.81
CA ASP A 189 1.88 -0.02 9.86
C ASP A 189 3.20 0.72 9.96
N LEU A 190 3.75 0.79 11.16
CA LEU A 190 5.02 1.47 11.38
C LEU A 190 6.22 0.66 10.91
N TRP A 191 6.13 -0.67 11.06
CA TRP A 191 7.08 -1.58 10.41
C TRP A 191 7.06 -1.39 8.92
N SER A 192 5.86 -1.37 8.33
CA SER A 192 5.66 -1.09 6.90
C SER A 192 6.37 0.18 6.45
N LEU A 193 6.25 1.26 7.22
CA LEU A 193 6.95 2.49 6.89
C LEU A 193 8.45 2.33 6.89
N GLY A 194 8.97 1.55 7.85
CA GLY A 194 10.39 1.19 7.93
C GLY A 194 10.92 0.46 6.72
N VAL A 195 10.20 -0.57 6.29
CA VAL A 195 10.60 -1.36 5.11
C VAL A 195 10.61 -0.51 3.84
N LEU A 196 9.55 0.29 3.66
CA LEU A 196 9.42 1.17 2.50
C LEU A 196 10.45 2.29 2.51
N CYS A 197 10.69 2.90 3.67
CA CYS A 197 11.72 3.94 3.72
C CYS A 197 13.05 3.40 3.21
N TYR A 198 13.42 2.21 3.69
CA TYR A 198 14.64 1.55 3.28
C TYR A 198 14.64 1.25 1.75
N GLU A 199 13.56 0.65 1.26
CA GLU A 199 13.49 0.27 -0.16
C GLU A 199 13.56 1.50 -1.08
N PHE A 200 12.92 2.59 -0.69
CA PHE A 200 12.96 3.83 -1.46
C PHE A 200 14.39 4.34 -1.62
N LEU A 201 15.13 4.34 -0.52
CA LEU A 201 16.50 4.84 -0.46
C LEU A 201 17.55 3.90 -1.05
N VAL A 202 17.31 2.59 -0.94
CA VAL A 202 18.33 1.58 -1.28
C VAL A 202 18.01 0.91 -2.62
N GLY A 203 16.73 0.70 -2.92
CA GLY A 203 16.33 0.09 -4.19
C GLY A 203 15.84 -1.35 -4.08
N LYS A 204 15.98 -1.92 -2.88
CA LYS A 204 15.41 -3.23 -2.56
C LYS A 204 15.00 -3.23 -1.10
N PRO A 205 14.03 -4.08 -0.71
CA PRO A 205 13.58 -4.05 0.70
C PRO A 205 14.62 -4.73 1.61
N PRO A 206 14.68 -4.37 2.92
CA PRO A 206 15.83 -4.76 3.73
C PRO A 206 16.03 -6.25 3.97
N PHE A 207 15.00 -7.07 3.76
CA PHE A 207 15.12 -8.51 4.05
C PHE A 207 15.02 -9.37 2.81
N GLU A 208 15.19 -8.76 1.64
CA GLU A 208 15.19 -9.48 0.36
C GLU A 208 16.14 -10.67 0.34
N ALA A 209 15.63 -11.79 -0.11
CA ALA A 209 16.41 -12.99 -0.29
C ALA A 209 15.89 -13.75 -1.48
N ASN A 210 16.65 -14.76 -1.91
CA ASN A 210 16.28 -15.57 -3.05
C ASN A 210 15.23 -16.62 -2.68
N THR A 211 15.06 -16.84 -1.39
CA THR A 211 14.07 -17.81 -0.91
C THR A 211 13.21 -17.30 0.24
N TYR A 212 11.97 -17.80 0.27
CA TYR A 212 11.01 -17.57 1.35
C TYR A 212 11.56 -17.99 2.72
N GLN A 213 12.12 -19.19 2.79
CA GLN A 213 12.69 -19.73 4.03
C GLN A 213 13.69 -18.74 4.67
N GLU A 214 14.58 -18.18 3.86
CA GLU A 214 15.59 -17.26 4.35
C GLU A 214 15.07 -15.84 4.67
N THR A 215 14.11 -15.36 3.87
CA THR A 215 13.46 -14.08 4.13
C THR A 215 12.78 -14.14 5.48
N TYR A 216 12.11 -15.27 5.73
CA TYR A 216 11.49 -15.53 7.02
C TYR A 216 12.49 -15.33 8.17
N LYS A 217 13.65 -15.99 8.08
CA LYS A 217 14.69 -15.89 9.12
C LYS A 217 15.22 -14.47 9.30
N ARG A 218 15.39 -13.75 8.19
CA ARG A 218 15.87 -12.37 8.23
C ARG A 218 14.91 -11.41 8.92
N ILE A 219 13.61 -11.51 8.60
CA ILE A 219 12.58 -10.68 9.24
C ILE A 219 12.49 -11.01 10.73
N SER A 220 12.43 -12.30 11.04
CA SER A 220 12.30 -12.78 12.41
C SER A 220 13.46 -12.33 13.31
N ARG A 221 14.65 -12.17 12.73
CA ARG A 221 15.82 -11.74 13.48
C ARG A 221 16.05 -10.22 13.36
N VAL A 222 15.29 -9.58 12.47
CA VAL A 222 15.55 -8.19 12.07
C VAL A 222 17.01 -8.05 11.59
N GLU A 223 17.39 -8.94 10.69
CA GLU A 223 18.74 -9.00 10.17
C GLU A 223 18.86 -8.24 8.84
N PHE A 224 19.34 -7.01 8.93
CA PHE A 224 19.62 -6.17 7.78
C PHE A 224 20.77 -5.20 8.08
N THR A 225 21.45 -4.75 7.02
CA THR A 225 22.46 -3.71 7.12
C THR A 225 22.17 -2.63 6.08
N PHE A 226 22.81 -1.48 6.26
CA PHE A 226 22.65 -0.32 5.38
C PHE A 226 23.84 -0.19 4.45
N PRO A 227 23.58 0.18 3.19
CA PRO A 227 24.74 0.58 2.38
C PRO A 227 25.30 1.90 2.90
N ASP A 228 26.54 2.19 2.54
CA ASP A 228 27.26 3.38 3.03
C ASP A 228 26.57 4.72 2.73
N PHE A 229 25.86 4.82 1.62
CA PHE A 229 25.26 6.10 1.23
C PHE A 229 24.03 6.51 2.08
N VAL A 230 23.48 5.58 2.85
CA VAL A 230 22.35 5.90 3.71
C VAL A 230 22.81 6.82 4.86
N THR A 231 22.20 8.00 4.96
CA THR A 231 22.59 9.01 5.93
C THR A 231 22.15 8.65 7.36
N GLU A 232 22.75 9.35 8.32
CA GLU A 232 22.54 9.10 9.75
C GLU A 232 21.08 9.26 10.16
N GLY A 233 20.40 10.26 9.60
CA GLY A 233 19.00 10.52 9.92
C GLY A 233 18.05 9.45 9.39
N ALA A 234 18.31 8.98 8.17
CA ALA A 234 17.54 7.88 7.60
C ALA A 234 17.79 6.60 8.41
N ARG A 235 19.06 6.33 8.70
CA ARG A 235 19.41 5.19 9.55
C ARG A 235 18.63 5.23 10.86
N ASP A 236 18.60 6.39 11.51
CA ASP A 236 17.94 6.53 12.79
C ASP A 236 16.46 6.20 12.72
N LEU A 237 15.79 6.75 11.70
CA LEU A 237 14.35 6.53 11.51
C LEU A 237 14.01 5.07 11.21
N ILE A 238 14.72 4.47 10.26
CA ILE A 238 14.49 3.10 9.85
C ILE A 238 14.68 2.13 11.03
N SER A 239 15.77 2.31 11.77
CA SER A 239 16.07 1.49 12.96
C SER A 239 15.01 1.58 14.04
N ARG A 240 14.41 2.75 14.20
CA ARG A 240 13.33 2.92 15.17
C ARG A 240 12.04 2.24 14.72
N LEU A 241 11.79 2.25 13.42
CA LEU A 241 10.62 1.61 12.86
C LEU A 241 10.74 0.09 12.83
N LEU A 242 11.92 -0.40 12.56
CA LEU A 242 12.10 -1.83 12.40
C LEU A 242 12.33 -2.66 13.64
N LYS A 243 11.97 -2.15 14.79
CA LYS A 243 11.86 -2.91 16.03
C LYS A 243 11.05 -4.20 16.06
N HIS A 244 11.67 -5.26 16.57
CA HIS A 244 11.05 -6.58 16.64
C HIS A 244 9.82 -6.57 17.51
N ASN A 245 9.91 -5.88 18.64
CA ASN A 245 8.78 -5.72 19.55
C ASN A 245 7.91 -4.54 19.10
N PRO A 246 6.66 -4.84 18.67
CA PRO A 246 5.71 -3.83 18.15
C PRO A 246 5.53 -2.63 19.09
N SER A 247 5.45 -2.88 20.40
CA SER A 247 5.21 -1.79 21.35
C SER A 247 6.42 -0.85 21.49
N GLN A 248 7.54 -1.21 20.85
CA GLN A 248 8.74 -0.36 20.88
C GLN A 248 8.85 0.54 19.65
N ARG A 249 8.03 0.29 18.64
CA ARG A 249 7.96 1.17 17.47
C ARG A 249 7.29 2.48 17.88
N PRO A 250 7.74 3.61 17.29
CA PRO A 250 7.16 4.89 17.70
C PRO A 250 5.72 5.04 17.19
N MET A 251 5.07 6.14 17.56
CA MET A 251 3.74 6.46 17.04
C MET A 251 3.90 7.22 15.73
N LEU A 252 2.83 7.27 14.94
CA LEU A 252 2.86 7.99 13.66
C LEU A 252 3.19 9.47 13.82
N ARG A 253 2.77 10.05 14.94
CA ARG A 253 3.09 11.43 15.28
C ARG A 253 4.60 11.63 15.29
N GLU A 254 5.31 10.73 15.98
CA GLU A 254 6.76 10.78 16.12
C GLU A 254 7.48 10.65 14.77
N VAL A 255 6.95 9.79 13.88
CA VAL A 255 7.45 9.71 12.51
C VAL A 255 7.33 11.07 11.79
N LEU A 256 6.16 11.68 11.88
CA LEU A 256 5.89 12.94 11.18
C LEU A 256 6.69 14.11 11.74
N GLU A 257 7.21 13.94 12.96
CA GLU A 257 7.96 14.99 13.66
C GLU A 257 9.47 14.70 13.68
N HIS A 258 9.88 13.61 13.03
CA HIS A 258 11.28 13.22 12.99
C HIS A 258 12.07 14.22 12.20
N PRO A 259 13.25 14.65 12.72
CA PRO A 259 14.08 15.68 12.07
C PRO A 259 14.45 15.36 10.62
N TRP A 260 14.79 14.10 10.33
CA TRP A 260 15.11 13.70 8.96
C TRP A 260 13.93 13.83 8.05
N ILE A 261 12.74 13.56 8.57
CA ILE A 261 11.50 13.77 7.81
C ILE A 261 11.24 15.27 7.62
N THR A 262 11.24 16.02 8.71
CA THR A 262 10.98 17.46 8.62
C THR A 262 12.01 18.21 7.75
N ALA A 263 13.28 17.82 7.81
CA ALA A 263 14.30 18.45 6.96
C ALA A 263 14.16 18.18 5.46
N ASN A 264 13.55 17.06 5.09
CA ASN A 264 13.59 16.59 3.70
C ASN A 264 12.25 16.56 2.97
N SER A 265 11.16 16.45 3.72
CA SER A 265 9.83 16.32 3.13
C SER A 265 9.32 17.61 2.48
N SER A 266 8.81 17.48 1.25
CA SER A 266 8.19 18.61 0.55
C SER A 266 6.77 18.89 1.04
N LYS A 267 6.16 17.91 1.71
CA LYS A 267 4.76 18.02 2.12
C LYS A 267 4.55 17.93 3.64
N PRO A 268 3.63 18.76 4.19
CA PRO A 268 3.36 18.80 5.63
C PRO A 268 2.41 17.70 6.14
N SER A 269 2.03 17.80 7.41
CA SER A 269 1.08 16.87 8.05
C SER A 269 -0.35 17.41 7.99
N1 VX6 B . 2.12 3.90 -17.33
C2 VX6 B . 1.56 4.90 -16.40
C3 VX6 B . 0.15 4.48 -15.93
N4 VX6 B . 0.16 3.04 -15.49
C5 VX6 B . 1.02 2.02 -16.17
C6 VX6 B . 2.35 2.62 -16.62
C7 VX6 B . 3.43 4.36 -17.78
C8 VX6 B . -0.75 2.56 -14.53
C9 VX6 B . -1.79 3.34 -13.98
C10 VX6 B . -2.65 2.72 -13.06
N11 VX6 B . -2.45 1.42 -12.73
C12 VX6 B . -1.44 0.71 -13.28
N13 VX6 B . -0.62 1.29 -14.17
N14 VX6 B . -3.63 3.44 -12.52
C15 VX6 B . -4.66 2.97 -11.76
C17 VX6 B . -4.93 1.70 -11.43
C18 VX6 B . -6.02 1.80 -10.68
N19 VX6 B . -6.37 3.08 -10.57
N20 VX6 B . -5.56 3.77 -11.20
C21 VX6 B . -6.78 0.64 -10.02
S23 VX6 B . -1.15 -1.00 -12.90
C24 VX6 B . -2.16 -1.30 -11.47
C25 VX6 B . -1.61 -1.07 -10.21
C26 VX6 B . -2.35 -1.29 -9.06
C27 VX6 B . -3.66 -1.78 -9.15
C28 VX6 B . -4.21 -2.00 -10.42
C29 VX6 B . -3.47 -1.78 -11.59
N30 VX6 B . -4.31 -1.92 -7.99
C31 VX6 B . -5.59 -2.26 -7.79
O32 VX6 B . -6.36 -2.67 -8.65
C33 VX6 B . -6.02 -2.14 -6.31
C34 VX6 B . -7.49 -2.41 -6.03
C35 VX6 B . -6.44 -3.44 -5.60
#